data_3CI6
#
_entry.id   3CI6
#
_cell.length_a   39.081
_cell.length_b   54.992
_cell.length_c   124.118
_cell.angle_alpha   90.000
_cell.angle_beta   90.000
_cell.angle_gamma   90.000
#
_symmetry.space_group_name_H-M   'P 21 21 21'
#
loop_
_entity.id
_entity.type
_entity.pdbx_description
1 polymer 'Phosphoenolpyruvate-protein phosphotransferase'
2 non-polymer 1-ETHOXY-2-(2-ETHOXYETHOXY)ETHANE
3 non-polymer DI(HYDROXYETHYL)ETHER
4 non-polymer GLYCEROL
5 water water
#
_entity_poly.entity_id   1
_entity_poly.type   'polypeptide(L)'
_entity_poly.pdbx_seq_one_letter_code
;SNA(MSE)SN(MSE)QLDTLRRIVQEINSSVSLHDSLDI(MSE)VNQVADA(MSE)KVDVCSIYLLDERNQRYLL(MSE)
ASKGLNPESVGHVSLQLSEGLVGLVGQREEIVNLENASKHERFAYLPETGEEIYNSFLGVPV(MSE)YRRKV(MSE)GVL
VVQNKQPQDFSEAAESFLVTLCAQLSGVIAHAHAVGNID
;
_entity_poly.pdbx_strand_id   A,B
#
# COMPACT_ATOMS: atom_id res chain seq x y z
N SER A 5 2.99 20.86 -4.49
N SER A 5 3.06 20.84 -4.42
CA SER A 5 2.52 19.59 -3.96
CA SER A 5 2.53 19.56 -3.95
C SER A 5 1.56 18.81 -4.86
C SER A 5 1.73 18.84 -5.03
N ASN A 6 1.84 17.51 -5.04
CA ASN A 6 0.93 16.65 -5.78
C ASN A 6 -0.12 16.20 -4.79
N GLN A 8 -2.80 14.16 -4.73
CA GLN A 8 -3.12 12.75 -4.47
C GLN A 8 -1.96 12.04 -3.82
N LEU A 9 -0.73 12.31 -4.27
CA LEU A 9 0.44 11.69 -3.61
C LEU A 9 0.49 12.04 -2.14
N ASP A 10 0.28 13.31 -1.82
CA ASP A 10 0.38 13.73 -0.43
C ASP A 10 -0.76 13.15 0.43
N THR A 11 -1.95 13.06 -0.13
CA THR A 11 -3.06 12.45 0.62
C THR A 11 -2.82 10.97 0.84
N LEU A 12 -2.34 10.27 -0.20
CA LEU A 12 -2.03 8.86 -0.07
C LEU A 12 -1.04 8.66 1.08
N ARG A 13 -0.03 9.51 1.13
CA ARG A 13 1.00 9.38 2.18
C ARG A 13 0.36 9.49 3.54
N ARG A 14 -0.50 10.49 3.74
CA ARG A 14 -1.08 10.67 5.03
C ARG A 14 -1.97 9.48 5.41
N ILE A 15 -2.77 9.00 4.47
CA ILE A 15 -3.66 7.87 4.77
C ILE A 15 -2.88 6.60 5.08
N VAL A 16 -1.89 6.25 4.25
CA VAL A 16 -1.20 5.00 4.49
C VAL A 16 -0.44 5.04 5.80
N GLN A 17 0.07 6.22 6.18
CA GLN A 17 0.76 6.34 7.47
C GLN A 17 -0.19 6.02 8.64
N GLU A 18 -1.46 6.40 8.52
N GLU A 18 -1.45 6.41 8.52
CA GLU A 18 -2.41 6.04 9.56
CA GLU A 18 -2.43 6.05 9.55
C GLU A 18 -2.66 4.54 9.58
C GLU A 18 -2.58 4.53 9.58
N ILE A 19 -2.76 3.93 8.41
CA ILE A 19 -2.90 2.47 8.32
C ILE A 19 -1.68 1.73 8.88
N ASN A 20 -0.48 2.27 8.63
CA ASN A 20 0.77 1.69 9.12
C ASN A 20 0.75 1.54 10.65
N SER A 21 -0.01 2.42 11.32
N SER A 21 0.02 2.41 11.35
CA SER A 21 -0.04 2.45 12.78
CA SER A 21 -0.04 2.34 12.81
C SER A 21 -1.32 1.84 13.36
C SER A 21 -1.36 1.75 13.32
N SER A 22 -2.04 1.09 12.53
N SER A 22 -2.03 1.00 12.47
CA SER A 22 -3.22 0.34 12.95
CA SER A 22 -3.21 0.20 12.85
C SER A 22 -2.86 -0.76 13.94
C SER A 22 -2.84 -0.78 13.95
N VAL A 23 -3.84 -1.16 14.75
CA VAL A 23 -3.65 -2.22 15.76
C VAL A 23 -4.28 -3.56 15.40
N SER A 24 -5.00 -3.63 14.28
CA SER A 24 -5.72 -4.87 13.90
C SER A 24 -6.27 -4.69 12.51
N LEU A 25 -6.82 -5.78 11.98
CA LEU A 25 -7.54 -5.75 10.72
C LEU A 25 -8.72 -4.78 10.79
N HIS A 26 -9.53 -4.89 11.84
CA HIS A 26 -10.70 -4.05 11.95
C HIS A 26 -10.33 -2.59 12.06
N ASP A 27 -9.27 -2.29 12.80
CA ASP A 27 -8.80 -0.92 12.89
C ASP A 27 -8.38 -0.39 11.53
N SER A 28 -7.64 -1.20 10.77
CA SER A 28 -7.24 -0.81 9.42
C SER A 28 -8.42 -0.51 8.52
N LEU A 29 -9.44 -1.35 8.55
CA LEU A 29 -10.62 -1.12 7.72
C LEU A 29 -11.35 0.14 8.13
N ASP A 30 -11.47 0.36 9.43
N ASP A 30 -11.47 0.37 9.43
CA ASP A 30 -12.13 1.58 9.92
CA ASP A 30 -12.16 1.58 9.92
C ASP A 30 -11.37 2.84 9.52
C ASP A 30 -11.38 2.88 9.64
N ILE A 31 -10.05 2.82 9.71
CA ILE A 31 -9.22 3.95 9.29
C ILE A 31 -9.48 4.17 7.79
N VAL A 33 -12.01 3.41 5.63
CA VAL A 33 -13.32 3.96 5.25
C VAL A 33 -13.48 5.42 5.64
N ASN A 34 -13.01 5.77 6.83
CA ASN A 34 -13.07 7.17 7.27
C ASN A 34 -12.18 8.09 6.47
N GLN A 35 -10.94 7.66 6.25
CA GLN A 35 -10.01 8.49 5.50
C GLN A 35 -10.42 8.65 4.05
N VAL A 36 -10.85 7.57 3.42
CA VAL A 36 -11.34 7.64 2.03
C VAL A 36 -12.59 8.52 1.92
N ALA A 37 -13.50 8.42 2.86
CA ALA A 37 -14.72 9.27 2.80
C ALA A 37 -14.33 10.75 2.85
N ASP A 38 -13.37 11.10 3.72
CA ASP A 38 -12.84 12.47 3.75
C ASP A 38 -12.15 12.86 2.46
N ALA A 39 -11.23 12.04 1.94
CA ALA A 39 -10.49 12.42 0.77
C ALA A 39 -11.37 12.62 -0.44
N LYS A 41 -14.65 13.17 -0.35
CA LYS A 41 -15.84 13.95 -0.02
C LYS A 41 -17.13 13.26 -0.40
N VAL A 42 -17.28 12.06 0.13
CA VAL A 42 -18.46 11.24 -0.12
C VAL A 42 -19.26 10.93 1.13
N ASP A 43 -20.55 10.67 0.93
CA ASP A 43 -21.45 10.31 2.01
C ASP A 43 -21.12 8.95 2.62
N VAL A 44 -20.66 8.03 1.77
CA VAL A 44 -20.44 6.66 2.21
C VAL A 44 -19.16 6.10 1.64
N CYS A 45 -18.37 5.45 2.49
CA CYS A 45 -17.33 4.55 2.04
C CYS A 45 -17.45 3.25 2.80
N SER A 46 -17.45 2.11 2.06
CA SER A 46 -17.61 0.80 2.65
C SER A 46 -16.60 -0.17 2.09
N ILE A 47 -16.26 -1.17 2.90
CA ILE A 47 -15.41 -2.25 2.46
C ILE A 47 -16.12 -3.55 2.72
N TYR A 48 -16.22 -4.33 1.65
CA TYR A 48 -16.79 -5.69 1.69
C TYR A 48 -15.68 -6.68 1.47
N LEU A 49 -15.69 -7.77 2.26
CA LEU A 49 -14.69 -8.82 2.09
C LEU A 49 -15.32 -10.04 1.50
N LEU A 50 -14.63 -10.69 0.56
CA LEU A 50 -15.12 -11.93 -0.04
C LEU A 50 -14.96 -13.06 0.96
N ASP A 51 -16.06 -13.78 1.12
CA ASP A 51 -16.09 -15.02 1.82
C ASP A 51 -16.19 -16.02 0.69
N GLU A 52 -15.03 -16.49 0.23
CA GLU A 52 -14.92 -17.34 -0.96
C GLU A 52 -15.72 -18.64 -0.84
N ARG A 53 -15.67 -19.26 0.33
CA ARG A 53 -16.36 -20.51 0.56
C ARG A 53 -17.83 -20.37 0.19
N ASN A 54 -18.41 -19.26 0.63
CA ASN A 54 -19.82 -19.00 0.46
C ASN A 54 -20.14 -18.09 -0.76
N GLN A 55 -19.10 -17.67 -1.48
CA GLN A 55 -19.23 -16.80 -2.66
C GLN A 55 -20.15 -15.61 -2.35
N ARG A 56 -19.86 -14.97 -1.21
CA ARG A 56 -20.63 -13.82 -0.75
C ARG A 56 -19.66 -12.74 -0.32
N TYR A 57 -20.12 -11.50 -0.38
CA TYR A 57 -19.34 -10.35 0.10
C TYR A 57 -19.97 -9.86 1.39
N LEU A 58 -19.16 -9.78 2.44
N LEU A 58 -19.16 -9.82 2.46
CA LEU A 58 -19.62 -9.39 3.75
CA LEU A 58 -19.61 -9.40 3.78
C LEU A 58 -19.21 -7.96 4.02
C LEU A 58 -19.21 -7.95 4.00
N LEU A 59 -20.16 -7.10 4.40
CA LEU A 59 -19.83 -5.73 4.78
C LEU A 59 -19.01 -5.78 6.07
N ALA A 61 -16.71 -2.91 7.08
CA ALA A 61 -16.47 -1.59 7.65
C ALA A 61 -17.23 -0.59 6.83
N SER A 62 -17.70 0.46 7.47
CA SER A 62 -18.37 1.54 6.71
C SER A 62 -18.35 2.87 7.45
N LYS A 63 -18.17 3.96 6.69
N LYS A 63 -18.16 3.96 6.70
CA LYS A 63 -18.49 5.32 7.13
CA LYS A 63 -18.51 5.31 7.16
C LYS A 63 -19.72 5.72 6.33
C LYS A 63 -19.70 5.72 6.34
N GLY A 64 -20.81 6.02 7.02
CA GLY A 64 -22.02 6.49 6.37
C GLY A 64 -23.21 5.56 6.34
N LEU A 65 -22.99 4.24 6.24
CA LEU A 65 -24.11 3.29 6.34
C LEU A 65 -24.43 3.05 7.80
N ASN A 66 -25.65 2.60 8.07
CA ASN A 66 -26.07 2.18 9.40
C ASN A 66 -25.03 1.23 10.00
N PRO A 67 -24.41 1.63 11.11
CA PRO A 67 -23.38 0.81 11.75
C PRO A 67 -23.82 -0.63 12.02
N GLU A 68 -25.09 -0.82 12.39
CA GLU A 68 -25.62 -2.17 12.59
C GLU A 68 -25.54 -3.07 11.35
N SER A 69 -25.42 -2.45 10.18
CA SER A 69 -25.25 -3.19 8.91
C SER A 69 -23.91 -3.89 8.85
N VAL A 70 -22.90 -3.31 9.47
CA VAL A 70 -21.54 -3.86 9.39
C VAL A 70 -21.47 -5.20 10.07
N GLY A 71 -20.83 -6.16 9.40
CA GLY A 71 -20.74 -7.54 9.86
C GLY A 71 -22.09 -8.24 9.83
N HIS A 72 -23.04 -7.67 9.08
CA HIS A 72 -24.37 -8.25 8.94
C HIS A 72 -24.80 -8.28 7.47
N VAL A 73 -24.66 -7.17 6.75
CA VAL A 73 -25.04 -7.11 5.33
C VAL A 73 -24.11 -8.00 4.49
N SER A 74 -24.74 -8.89 3.71
CA SER A 74 -24.06 -9.89 2.91
C SER A 74 -24.68 -9.88 1.52
N LEU A 75 -23.83 -9.96 0.49
CA LEU A 75 -24.25 -9.90 -0.90
C LEU A 75 -23.67 -11.04 -1.71
N GLN A 76 -24.49 -11.70 -2.52
CA GLN A 76 -23.97 -12.68 -3.48
C GLN A 76 -23.36 -11.96 -4.70
N LEU A 77 -22.58 -12.68 -5.53
CA LEU A 77 -21.89 -12.04 -6.68
C LEU A 77 -22.84 -11.46 -7.72
N SER A 78 -24.04 -12.03 -7.80
CA SER A 78 -25.07 -11.56 -8.69
C SER A 78 -25.78 -10.35 -8.13
N GLU A 79 -25.51 -10.01 -6.86
CA GLU A 79 -26.33 -9.01 -6.18
C GLU A 79 -25.71 -7.64 -6.30
N GLY A 80 -26.31 -6.85 -7.18
CA GLY A 80 -26.00 -5.44 -7.27
C GLY A 80 -24.60 -5.18 -7.75
N LEU A 81 -24.20 -3.94 -7.54
CA LEU A 81 -22.98 -3.45 -8.12
C LEU A 81 -21.73 -3.95 -7.38
N VAL A 82 -21.84 -4.26 -6.09
CA VAL A 82 -20.71 -4.80 -5.34
C VAL A 82 -20.36 -6.16 -5.90
N GLY A 83 -21.38 -7.00 -6.04
CA GLY A 83 -21.22 -8.28 -6.69
C GLY A 83 -20.57 -8.15 -8.06
N LEU A 84 -21.03 -7.18 -8.84
CA LEU A 84 -20.53 -6.97 -10.19
C LEU A 84 -19.06 -6.61 -10.22
N VAL A 85 -18.63 -5.74 -9.31
CA VAL A 85 -17.21 -5.39 -9.25
C VAL A 85 -16.34 -6.64 -8.99
N GLY A 86 -16.79 -7.49 -8.07
CA GLY A 86 -16.02 -8.71 -7.73
C GLY A 86 -15.98 -9.70 -8.87
N GLN A 87 -17.13 -9.84 -9.51
CA GLN A 87 -17.35 -10.77 -10.62
C GLN A 87 -16.47 -10.44 -11.79
N ARG A 88 -16.54 -9.21 -12.28
N ARG A 88 -16.54 -9.22 -12.29
CA ARG A 88 -15.79 -8.82 -13.46
CA ARG A 88 -15.78 -8.84 -13.48
C ARG A 88 -14.40 -8.28 -13.11
C ARG A 88 -14.40 -8.28 -13.12
N GLU A 89 -14.11 -8.15 -11.82
CA GLU A 89 -12.80 -7.68 -11.35
C GLU A 89 -12.39 -6.39 -11.99
N GLU A 90 -13.39 -5.53 -12.17
N GLU A 90 -13.35 -5.51 -12.20
CA GLU A 90 -13.27 -4.24 -12.85
CA GLU A 90 -13.03 -4.19 -12.68
C GLU A 90 -13.86 -3.12 -11.97
C GLU A 90 -13.84 -3.12 -12.00
N ILE A 91 -13.32 -1.90 -12.08
CA ILE A 91 -13.93 -0.72 -11.53
C ILE A 91 -15.28 -0.49 -12.17
N VAL A 92 -16.30 -0.19 -11.36
CA VAL A 92 -17.56 0.29 -11.82
C VAL A 92 -17.70 1.72 -11.30
N ASN A 93 -17.76 2.68 -12.22
CA ASN A 93 -17.82 4.11 -11.92
C ASN A 93 -19.04 4.71 -12.57
N LEU A 94 -20.03 5.04 -11.73
CA LEU A 94 -21.32 5.53 -12.18
C LEU A 94 -21.70 6.82 -11.44
N GLU A 95 -21.58 7.96 -12.12
CA GLU A 95 -22.14 9.22 -11.63
C GLU A 95 -23.64 9.08 -11.40
N ASN A 96 -24.31 8.37 -12.31
CA ASN A 96 -25.72 8.06 -12.22
C ASN A 96 -25.89 6.54 -12.25
N ALA A 97 -25.95 5.94 -11.08
CA ALA A 97 -26.00 4.50 -10.93
C ALA A 97 -27.23 3.88 -11.54
N SER A 98 -28.31 4.65 -11.69
CA SER A 98 -29.53 4.12 -12.34
C SER A 98 -29.33 3.70 -13.80
N LYS A 99 -28.25 4.18 -14.42
CA LYS A 99 -27.86 3.77 -15.78
C LYS A 99 -27.65 2.27 -15.90
N HIS A 100 -27.28 1.63 -14.79
CA HIS A 100 -26.91 0.23 -14.81
C HIS A 100 -28.05 -0.66 -14.35
N GLU A 101 -28.28 -1.75 -15.09
N GLU A 101 -28.29 -1.74 -15.11
CA GLU A 101 -29.39 -2.65 -14.79
CA GLU A 101 -29.35 -2.70 -14.81
C GLU A 101 -29.20 -3.45 -13.50
C GLU A 101 -29.23 -3.29 -13.41
N ARG A 102 -28.00 -3.42 -12.93
CA ARG A 102 -27.71 -4.02 -11.63
C ARG A 102 -28.13 -3.13 -10.47
N PHE A 103 -28.32 -1.85 -10.74
CA PHE A 103 -28.53 -0.95 -9.64
C PHE A 103 -29.98 -0.92 -9.14
N ILE A 113 -31.01 6.81 -0.44
CA ILE A 113 -30.85 6.77 -1.89
C ILE A 113 -29.54 7.35 -2.36
N TYR A 114 -28.57 6.51 -2.72
CA TYR A 114 -27.32 7.01 -3.28
C TYR A 114 -27.30 6.96 -4.80
N ASN A 115 -27.28 8.12 -5.44
CA ASN A 115 -27.24 8.27 -6.90
C ASN A 115 -25.96 7.87 -7.56
N SER A 116 -24.85 8.00 -6.85
CA SER A 116 -23.50 7.85 -7.45
C SER A 116 -22.79 6.74 -6.73
N PHE A 117 -22.03 5.95 -7.49
CA PHE A 117 -21.36 4.75 -7.02
C PHE A 117 -20.03 4.59 -7.72
N LEU A 118 -18.99 4.34 -6.92
CA LEU A 118 -17.71 3.91 -7.46
C LEU A 118 -17.25 2.71 -6.65
N GLY A 119 -17.02 1.60 -7.33
CA GLY A 119 -16.60 0.38 -6.70
C GLY A 119 -15.31 -0.07 -7.36
N VAL A 120 -14.36 -0.53 -6.52
CA VAL A 120 -13.02 -0.91 -6.94
C VAL A 120 -12.67 -2.26 -6.33
N PRO A 121 -12.21 -3.20 -7.17
CA PRO A 121 -11.84 -4.51 -6.62
C PRO A 121 -10.57 -4.44 -5.78
N VAL A 122 -10.58 -5.15 -4.66
CA VAL A 122 -9.37 -5.32 -3.84
C VAL A 122 -8.77 -6.66 -4.26
N TYR A 124 -5.31 -9.26 -4.65
CA TYR A 124 -3.99 -9.63 -4.14
C TYR A 124 -3.54 -10.79 -5.02
N ARG A 125 -2.47 -10.60 -5.80
CA ARG A 125 -1.96 -11.62 -6.71
C ARG A 125 -3.02 -12.18 -7.62
N ARG A 126 -3.75 -11.26 -8.24
N ARG A 126 -3.75 -11.25 -8.25
CA ARG A 126 -4.79 -11.57 -9.22
CA ARG A 126 -4.81 -11.55 -9.20
C ARG A 126 -6.02 -12.25 -8.63
C ARG A 126 -5.90 -12.44 -8.62
N LYS A 127 -6.11 -12.36 -7.31
CA LYS A 127 -7.27 -12.93 -6.65
C LYS A 127 -8.08 -11.85 -5.96
N VAL A 128 -9.40 -11.93 -6.05
CA VAL A 128 -10.29 -10.96 -5.37
C VAL A 128 -10.35 -11.22 -3.88
N GLY A 130 -11.92 -8.60 -1.99
CA GLY A 130 -13.05 -7.77 -1.52
C GLY A 130 -13.31 -6.65 -2.48
N VAL A 131 -14.15 -5.71 -2.05
CA VAL A 131 -14.55 -4.54 -2.85
C VAL A 131 -14.59 -3.32 -1.96
N LEU A 132 -14.01 -2.21 -2.43
CA LEU A 132 -14.11 -0.91 -1.75
C LEU A 132 -15.12 -0.09 -2.52
N VAL A 133 -16.03 0.55 -1.80
CA VAL A 133 -17.13 1.28 -2.42
C VAL A 133 -17.13 2.67 -1.85
N VAL A 134 -17.33 3.66 -2.71
CA VAL A 134 -17.83 4.98 -2.27
C VAL A 134 -19.19 5.25 -2.92
N GLN A 135 -20.07 5.89 -2.18
CA GLN A 135 -21.39 6.27 -2.69
C GLN A 135 -21.66 7.72 -2.24
N ASN A 136 -22.46 8.40 -3.06
CA ASN A 136 -22.88 9.77 -2.72
C ASN A 136 -24.36 9.94 -3.02
N LYS A 137 -25.04 10.77 -2.24
N LYS A 137 -25.06 10.70 -2.19
CA LYS A 137 -26.46 11.05 -2.44
CA LYS A 137 -26.48 10.89 -2.36
C LYS A 137 -26.63 12.03 -3.60
C LYS A 137 -26.69 11.75 -3.59
N GLN A 138 -26.03 13.20 -3.49
N GLN A 138 -26.24 12.99 -3.52
CA GLN A 138 -26.07 14.13 -4.63
CA GLN A 138 -26.28 13.89 -4.68
C GLN A 138 -25.14 13.59 -5.71
C GLN A 138 -25.25 13.44 -5.72
N PRO A 139 -25.49 13.78 -6.99
CA PRO A 139 -24.63 13.28 -8.04
C PRO A 139 -23.20 13.79 -7.91
N GLN A 140 -22.26 12.88 -8.11
N GLN A 140 -22.26 12.87 -8.09
CA GLN A 140 -20.86 13.21 -8.05
CA GLN A 140 -20.83 13.17 -8.06
C GLN A 140 -20.16 12.43 -9.14
C GLN A 140 -20.15 12.44 -9.22
N ASP A 141 -19.43 13.13 -9.99
N ASP A 141 -19.29 13.15 -9.94
CA ASP A 141 -18.52 12.47 -10.88
CA ASP A 141 -18.47 12.54 -10.97
C ASP A 141 -17.33 12.00 -10.06
C ASP A 141 -17.12 12.18 -10.36
N PHE A 142 -16.72 10.92 -10.53
CA PHE A 142 -15.48 10.43 -9.95
C PHE A 142 -14.47 10.40 -11.08
N SER A 143 -13.40 11.19 -10.92
CA SER A 143 -12.43 11.38 -11.97
C SER A 143 -11.45 10.22 -12.13
N GLU A 144 -10.64 10.30 -13.18
N GLU A 144 -10.64 10.29 -13.17
CA GLU A 144 -9.54 9.37 -13.42
CA GLU A 144 -9.55 9.34 -13.39
C GLU A 144 -8.58 9.36 -12.24
C GLU A 144 -8.59 9.35 -12.20
N ALA A 145 -8.26 10.53 -11.71
CA ALA A 145 -7.37 10.61 -10.55
C ALA A 145 -8.01 9.94 -9.34
N ALA A 146 -9.32 10.11 -9.18
CA ALA A 146 -10.02 9.39 -8.11
C ALA A 146 -9.90 7.88 -8.26
N GLU A 147 -10.09 7.37 -9.47
CA GLU A 147 -9.91 5.91 -9.68
C GLU A 147 -8.49 5.48 -9.31
N SER A 148 -7.48 6.20 -9.80
CA SER A 148 -6.10 5.83 -9.51
C SER A 148 -5.77 5.87 -8.02
N PHE A 149 -6.33 6.87 -7.35
CA PHE A 149 -6.17 7.03 -5.93
C PHE A 149 -6.73 5.81 -5.20
N LEU A 150 -7.99 5.44 -5.52
CA LEU A 150 -8.59 4.24 -4.91
C LEU A 150 -7.89 2.94 -5.28
N VAL A 151 -7.48 2.75 -6.54
CA VAL A 151 -6.71 1.56 -6.90
C VAL A 151 -5.47 1.41 -6.03
N THR A 152 -4.78 2.53 -5.81
CA THR A 152 -3.58 2.50 -5.04
C THR A 152 -3.88 2.10 -3.60
N LEU A 153 -4.90 2.68 -3.00
CA LEU A 153 -5.27 2.29 -1.64
C LEU A 153 -5.76 0.87 -1.55
N CYS A 154 -6.48 0.38 -2.55
CA CYS A 154 -6.93 -1.01 -2.54
C CYS A 154 -5.76 -1.94 -2.57
N ALA A 155 -4.72 -1.62 -3.31
CA ALA A 155 -3.55 -2.51 -3.37
C ALA A 155 -2.86 -2.58 -1.98
N GLN A 156 -2.84 -1.45 -1.28
N GLN A 156 -2.81 -1.47 -1.22
CA GLN A 156 -2.34 -1.38 0.06
CA GLN A 156 -2.30 -1.52 0.17
C GLN A 156 -3.16 -2.27 1.04
C GLN A 156 -3.18 -2.35 1.10
N LEU A 157 -4.48 -2.12 0.96
CA LEU A 157 -5.43 -2.88 1.76
C LEU A 157 -5.32 -4.37 1.47
N SER A 158 -5.04 -4.72 0.23
CA SER A 158 -5.06 -6.14 -0.17
C SER A 158 -4.06 -6.98 0.66
N GLY A 159 -2.88 -6.45 0.96
CA GLY A 159 -1.91 -7.17 1.79
C GLY A 159 -2.37 -7.31 3.23
N VAL A 160 -3.03 -6.29 3.75
CA VAL A 160 -3.67 -6.35 5.06
C VAL A 160 -4.67 -7.50 5.14
N ILE A 161 -5.49 -7.65 4.11
CA ILE A 161 -6.52 -8.65 4.11
C ILE A 161 -5.88 -10.03 3.90
N ALA A 162 -4.92 -10.13 2.97
CA ALA A 162 -4.18 -11.39 2.80
C ALA A 162 -3.53 -11.87 4.12
N HIS A 163 -2.88 -10.96 4.81
CA HIS A 163 -2.28 -11.30 6.08
C HIS A 163 -3.34 -11.77 7.09
N ALA A 164 -4.50 -11.12 7.12
CA ALA A 164 -5.58 -11.47 8.02
C ALA A 164 -6.04 -12.90 7.80
N HIS A 165 -6.14 -13.33 6.55
CA HIS A 165 -6.45 -14.73 6.26
C HIS A 165 -5.33 -15.65 6.78
N ALA A 166 -4.10 -15.25 6.58
CA ALA A 166 -2.94 -16.04 6.90
C ALA A 166 -2.83 -16.32 8.40
N VAL A 167 -3.18 -15.34 9.21
CA VAL A 167 -3.10 -15.51 10.67
C VAL A 167 -4.43 -15.90 11.29
N GLY A 168 -5.46 -16.05 10.47
CA GLY A 168 -6.72 -16.57 10.93
C GLY A 168 -7.64 -15.59 11.62
N ASN A 169 -7.46 -14.28 11.35
CA ASN A 169 -8.37 -13.23 11.82
C ASN A 169 -9.72 -13.29 11.06
N ILE A 170 -9.66 -13.73 9.82
CA ILE A 170 -10.81 -13.87 8.94
C ILE A 170 -10.71 -15.18 8.15
N SER B 5 -3.61 14.83 -17.23
CA SER B 5 -3.55 13.82 -16.18
C SER B 5 -2.46 14.06 -15.13
N ASN B 6 -2.71 13.45 -13.97
CA ASN B 6 -1.77 13.43 -12.89
C ASN B 6 -0.83 12.27 -13.21
N GLN B 8 2.31 11.61 -12.31
CA GLN B 8 3.07 10.99 -11.21
C GLN B 8 2.18 9.99 -10.43
N LEU B 9 0.91 10.34 -10.24
CA LEU B 9 -0.07 9.36 -9.70
C LEU B 9 -0.23 8.16 -10.63
N ASP B 10 -0.28 8.40 -11.94
CA ASP B 10 -0.37 7.32 -12.92
C ASP B 10 0.84 6.39 -12.83
N THR B 11 2.03 6.97 -12.67
CA THR B 11 3.27 6.20 -12.51
C THR B 11 3.19 5.33 -11.24
N LEU B 12 2.76 5.94 -10.14
CA LEU B 12 2.59 5.19 -8.90
C LEU B 12 1.61 4.04 -9.06
N ARG B 13 0.46 4.32 -9.66
CA ARG B 13 -0.55 3.29 -9.91
C ARG B 13 0.01 2.15 -10.75
N ARG B 14 0.77 2.47 -11.78
CA ARG B 14 1.35 1.44 -12.64
C ARG B 14 2.25 0.50 -11.84
N ILE B 15 3.09 1.07 -10.99
CA ILE B 15 4.00 0.26 -10.18
C ILE B 15 3.22 -0.54 -9.15
N VAL B 16 2.24 0.11 -8.51
CA VAL B 16 1.43 -0.58 -7.51
C VAL B 16 0.73 -1.82 -8.12
N GLN B 17 0.24 -1.67 -9.34
CA GLN B 17 -0.46 -2.77 -10.01
C GLN B 17 0.49 -3.89 -10.38
N GLU B 18 1.69 -3.54 -10.82
CA GLU B 18 2.67 -4.58 -11.13
C GLU B 18 3.09 -5.31 -9.86
N ILE B 19 3.32 -4.59 -8.77
CA ILE B 19 3.64 -5.27 -7.49
C ILE B 19 2.45 -6.14 -7.03
N ASN B 20 1.24 -5.61 -7.15
CA ASN B 20 0.06 -6.26 -6.62
C ASN B 20 -0.18 -7.59 -7.30
N SER B 21 0.12 -7.69 -8.59
N SER B 21 0.10 -7.70 -8.59
CA SER B 21 -0.10 -8.89 -9.42
CA SER B 21 -0.15 -8.94 -9.35
C SER B 21 1.12 -9.78 -9.53
C SER B 21 1.03 -9.90 -9.32
N SER B 22 2.15 -9.47 -8.77
CA SER B 22 3.35 -10.31 -8.76
C SER B 22 3.10 -11.51 -7.88
N VAL B 23 3.81 -12.60 -8.16
CA VAL B 23 3.51 -13.92 -7.63
C VAL B 23 4.24 -14.23 -6.32
N SER B 24 5.25 -13.46 -5.96
CA SER B 24 6.11 -13.78 -4.82
C SER B 24 6.66 -12.53 -4.18
N LEU B 25 7.11 -12.68 -2.94
CA LEU B 25 7.80 -11.62 -2.25
C LEU B 25 9.02 -11.15 -3.04
N HIS B 26 9.85 -12.08 -3.49
CA HIS B 26 11.02 -11.71 -4.26
C HIS B 26 10.67 -10.85 -5.47
N ASP B 27 9.64 -11.26 -6.23
CA ASP B 27 9.29 -10.51 -7.43
C ASP B 27 8.81 -9.13 -7.03
N SER B 28 8.01 -9.04 -5.98
N SER B 28 8.02 -9.04 -5.96
CA SER B 28 7.51 -7.73 -5.55
CA SER B 28 7.48 -7.75 -5.50
C SER B 28 8.66 -6.78 -5.24
C SER B 28 8.59 -6.76 -5.12
N LEU B 29 9.64 -7.27 -4.51
CA LEU B 29 10.79 -6.46 -4.08
C LEU B 29 11.61 -5.99 -5.29
N ASP B 30 11.81 -6.91 -6.23
CA ASP B 30 12.61 -6.62 -7.42
C ASP B 30 11.90 -5.57 -8.26
N ILE B 31 10.59 -5.74 -8.44
CA ILE B 31 9.81 -4.75 -9.20
C ILE B 31 9.90 -3.41 -8.52
N VAL B 33 12.17 -2.01 -6.39
CA VAL B 33 13.46 -1.26 -6.43
C VAL B 33 13.78 -0.77 -7.83
N ASN B 34 13.51 -1.57 -8.84
CA ASN B 34 13.84 -1.19 -10.22
C ASN B 34 12.91 -0.09 -10.70
N GLN B 35 11.62 -0.22 -10.40
CA GLN B 35 10.68 0.80 -10.81
C GLN B 35 10.83 2.13 -10.08
N VAL B 36 11.18 2.08 -8.80
CA VAL B 36 11.49 3.30 -8.05
C VAL B 36 12.73 3.97 -8.68
N ALA B 37 13.77 3.20 -8.98
CA ALA B 37 14.98 3.80 -9.54
C ALA B 37 14.71 4.48 -10.87
N ASP B 38 13.85 3.86 -11.69
CA ASP B 38 13.52 4.44 -12.99
C ASP B 38 12.61 5.68 -12.84
N ALA B 39 11.66 5.63 -11.93
CA ALA B 39 10.70 6.73 -11.77
C ALA B 39 11.35 7.98 -11.21
N LYS B 41 14.90 8.36 -11.26
CA LYS B 41 16.22 8.52 -11.87
C LYS B 41 17.30 8.72 -10.80
N VAL B 42 17.42 7.70 -9.95
CA VAL B 42 18.41 7.68 -8.88
C VAL B 42 19.41 6.56 -9.11
N ASP B 43 20.58 6.71 -8.53
CA ASP B 43 21.66 5.75 -8.75
C ASP B 43 21.37 4.39 -8.13
N VAL B 44 20.82 4.40 -6.92
CA VAL B 44 20.58 3.20 -6.17
C VAL B 44 19.26 3.19 -5.45
N CYS B 45 18.51 2.09 -5.56
CA CYS B 45 17.37 1.86 -4.69
C CYS B 45 17.47 0.42 -4.18
N SER B 46 17.46 0.28 -2.87
CA SER B 46 17.57 -1.04 -2.24
C SER B 46 16.54 -1.21 -1.17
N ILE B 47 16.25 -2.46 -0.86
N ILE B 47 16.23 -2.47 -0.87
CA ILE B 47 15.34 -2.75 0.25
CA ILE B 47 15.27 -2.81 0.20
C ILE B 47 15.97 -3.77 1.17
C ILE B 47 15.89 -3.81 1.17
N TYR B 48 15.99 -3.42 2.44
CA TYR B 48 16.50 -4.27 3.51
C TYR B 48 15.31 -4.73 4.32
N LEU B 49 15.17 -6.02 4.52
CA LEU B 49 14.06 -6.53 5.32
C LEU B 49 14.54 -6.98 6.69
N LEU B 50 13.77 -6.70 7.71
N LEU B 50 13.67 -6.81 7.67
CA LEU B 50 14.11 -7.15 9.05
CA LEU B 50 13.83 -7.41 8.99
C LEU B 50 13.91 -8.67 9.13
C LEU B 50 13.93 -8.89 8.87
N ASP B 51 15.00 -9.41 9.44
CA ASP B 51 15.09 -10.84 9.56
C ASP B 51 15.04 -11.09 11.05
N GLU B 52 13.88 -11.42 11.59
N GLU B 52 13.84 -11.40 11.53
CA GLU B 52 13.77 -11.50 13.03
CA GLU B 52 13.57 -11.64 12.95
C GLU B 52 14.46 -12.75 13.59
C GLU B 52 14.51 -12.69 13.50
N ARG B 53 14.58 -13.79 12.78
CA ARG B 53 15.32 -14.97 13.20
C ARG B 53 16.79 -14.69 13.50
N ASN B 54 17.41 -13.91 12.62
CA ASN B 54 18.81 -13.54 12.75
C ASN B 54 19.06 -12.16 13.35
N GLN B 55 17.98 -11.48 13.75
CA GLN B 55 18.05 -10.17 14.38
C GLN B 55 18.93 -9.18 13.62
N ARG B 56 18.59 -8.99 12.35
CA ARG B 56 19.37 -8.16 11.50
C ARG B 56 18.48 -7.70 10.35
N TYR B 57 18.92 -6.68 9.64
CA TYR B 57 18.33 -6.31 8.35
C TYR B 57 19.12 -6.98 7.25
N LEU B 58 18.45 -7.61 6.30
CA LEU B 58 19.12 -8.27 5.19
C LEU B 58 18.77 -7.58 3.88
N LEU B 59 19.79 -7.31 3.05
CA LEU B 59 19.56 -6.74 1.73
C LEU B 59 18.83 -7.77 0.88
N ALA B 61 16.83 -6.85 -2.18
CA ALA B 61 16.73 -6.45 -3.58
C ALA B 61 17.43 -5.12 -3.76
N SER B 62 17.97 -4.90 -4.94
CA SER B 62 18.61 -3.63 -5.24
C SER B 62 18.71 -3.37 -6.73
N LYS B 63 18.47 -2.11 -7.09
CA LYS B 63 18.91 -1.58 -8.38
C LYS B 63 20.12 -0.70 -8.08
N GLY B 64 21.29 -1.05 -8.60
CA GLY B 64 22.46 -0.22 -8.48
C GLY B 64 23.58 -0.78 -7.63
N LEU B 65 23.24 -1.55 -6.59
CA LEU B 65 24.28 -2.29 -5.86
C LEU B 65 24.68 -3.50 -6.67
N ASN B 66 25.81 -4.10 -6.35
CA ASN B 66 26.19 -5.32 -7.05
C ASN B 66 25.15 -6.40 -6.72
N PRO B 67 24.55 -7.08 -7.71
CA PRO B 67 23.61 -8.15 -7.43
C PRO B 67 24.15 -9.26 -6.54
N GLU B 68 25.46 -9.47 -6.53
CA GLU B 68 26.11 -10.43 -5.59
C GLU B 68 25.77 -10.14 -4.16
N SER B 69 25.57 -8.88 -3.84
CA SER B 69 25.35 -8.43 -2.47
C SER B 69 23.99 -8.89 -1.94
N VAL B 70 23.04 -9.09 -2.85
CA VAL B 70 21.64 -9.33 -2.47
C VAL B 70 21.57 -10.67 -1.79
N GLY B 71 21.00 -10.70 -0.59
CA GLY B 71 20.92 -11.89 0.24
C GLY B 71 22.14 -12.17 1.10
N HIS B 72 23.14 -11.29 1.01
N HIS B 72 23.18 -11.35 0.97
CA HIS B 72 24.47 -11.54 1.59
CA HIS B 72 24.41 -11.56 1.70
C HIS B 72 25.11 -10.33 2.29
C HIS B 72 24.59 -10.45 2.73
N VAL B 73 24.40 -9.22 2.33
CA VAL B 73 24.81 -8.06 3.13
C VAL B 73 23.74 -7.80 4.20
N SER B 74 24.18 -7.70 5.44
CA SER B 74 23.26 -7.45 6.52
C SER B 74 23.77 -6.37 7.45
N LEU B 75 22.84 -5.85 8.22
CA LEU B 75 23.08 -4.78 9.18
C LEU B 75 22.45 -5.13 10.50
N GLN B 76 23.12 -4.81 11.61
CA GLN B 76 22.46 -5.02 12.88
C GLN B 76 21.33 -4.00 13.07
N LEU B 77 20.42 -4.30 13.98
CA LEU B 77 19.19 -3.54 14.12
C LEU B 77 19.42 -2.08 14.53
N SER B 78 20.50 -1.81 15.24
CA SER B 78 20.81 -0.43 15.64
C SER B 78 21.90 0.20 14.81
N GLU B 79 22.20 -0.39 13.65
CA GLU B 79 23.42 -0.06 12.93
C GLU B 79 23.21 1.01 11.88
N GLY B 80 23.88 2.14 12.07
CA GLY B 80 23.98 3.14 11.04
C GLY B 80 22.66 3.82 10.69
N LEU B 81 22.65 4.47 9.53
CA LEU B 81 21.44 5.19 9.10
C LEU B 81 20.25 4.27 8.84
N VAL B 82 20.47 3.07 8.30
CA VAL B 82 19.36 2.15 8.10
C VAL B 82 18.76 1.75 9.46
N GLY B 83 19.64 1.43 10.42
CA GLY B 83 19.15 1.11 11.76
C GLY B 83 18.37 2.27 12.36
N LEU B 84 18.82 3.51 12.10
CA LEU B 84 18.17 4.66 12.69
C LEU B 84 16.77 4.86 12.13
N VAL B 85 16.61 4.65 10.84
CA VAL B 85 15.30 4.75 10.19
C VAL B 85 14.36 3.75 10.88
N GLY B 86 14.84 2.54 11.11
CA GLY B 86 14.04 1.52 11.76
C GLY B 86 13.75 1.81 13.20
N GLN B 87 14.72 2.35 13.95
CA GLN B 87 14.52 2.67 15.36
C GLN B 87 13.56 3.87 15.59
N ARG B 88 13.76 4.92 14.79
CA ARG B 88 12.94 6.09 14.87
C ARG B 88 11.60 5.95 14.17
N GLU B 89 11.48 4.97 13.28
CA GLU B 89 10.22 4.77 12.51
C GLU B 89 9.84 6.03 11.74
N GLU B 90 10.85 6.72 11.22
N GLU B 90 10.85 6.58 11.08
CA GLU B 90 10.73 8.03 10.53
CA GLU B 90 10.87 7.90 10.49
C GLU B 90 11.55 7.95 9.24
C GLU B 90 11.58 7.89 9.16
N ILE B 91 11.09 8.70 8.22
CA ILE B 91 11.91 9.02 7.06
C ILE B 91 13.15 9.80 7.51
N VAL B 92 14.29 9.43 6.94
CA VAL B 92 15.54 10.16 7.07
C VAL B 92 15.97 10.55 5.66
N ASN B 93 15.77 11.84 5.34
CA ASN B 93 16.01 12.37 4.01
C ASN B 93 17.15 13.36 4.12
N LEU B 94 18.36 12.89 3.80
CA LEU B 94 19.58 13.66 3.92
C LEU B 94 20.07 14.07 2.55
N GLU B 95 20.00 15.36 2.31
CA GLU B 95 20.48 15.91 1.07
C GLU B 95 21.96 15.66 0.96
N ASN B 96 22.69 15.92 2.04
CA ASN B 96 24.12 15.76 2.05
C ASN B 96 24.50 14.84 3.19
N ALA B 97 24.60 13.56 2.88
CA ALA B 97 24.88 12.55 3.86
C ALA B 97 26.35 12.51 4.23
N SER B 98 27.20 13.22 3.49
CA SER B 98 28.64 13.28 3.80
C SER B 98 28.90 13.81 5.19
N LYS B 99 28.05 14.75 5.63
CA LYS B 99 28.19 15.34 6.96
C LYS B 99 27.94 14.30 8.07
N HIS B 100 27.36 13.16 7.71
CA HIS B 100 27.03 12.11 8.68
C HIS B 100 27.69 10.79 8.32
N GLU B 101 28.73 10.83 7.48
CA GLU B 101 29.34 9.59 6.93
C GLU B 101 30.15 8.82 7.97
N ARG B 102 30.79 9.53 8.88
CA ARG B 102 31.75 8.88 9.77
C ARG B 102 31.10 7.76 10.61
N PHE B 103 29.89 8.01 11.12
CA PHE B 103 29.17 7.03 11.94
C PHE B 103 27.86 6.60 11.30
N ALA B 104 27.82 6.69 9.97
CA ALA B 104 26.66 6.22 9.19
C ALA B 104 26.56 4.70 9.15
N TYR B 105 27.68 4.01 9.36
CA TYR B 105 27.75 2.55 9.30
C TYR B 105 26.86 1.96 8.20
N LEU B 106 27.04 2.51 7.00
CA LEU B 106 26.33 2.04 5.83
C LEU B 106 26.88 0.67 5.46
N PRO B 107 26.04 -0.16 4.84
CA PRO B 107 26.45 -1.52 4.46
C PRO B 107 27.45 -1.55 3.30
N GLY B 110 30.76 -1.92 -1.55
CA GLY B 110 31.91 -1.73 -2.42
C GLY B 110 32.64 -0.40 -2.25
N GLU B 111 33.29 0.04 -3.32
CA GLU B 111 34.12 1.24 -3.33
C GLU B 111 33.31 2.54 -3.26
N GLU B 112 32.16 2.53 -3.93
CA GLU B 112 31.37 3.74 -4.22
C GLU B 112 30.97 4.53 -2.97
N ILE B 113 30.93 5.86 -3.09
CA ILE B 113 30.46 6.74 -2.02
C ILE B 113 29.16 7.43 -2.48
N TYR B 114 28.16 7.39 -1.61
CA TYR B 114 26.88 8.01 -1.91
C TYR B 114 26.63 9.13 -0.92
N ASN B 115 26.59 10.35 -1.43
CA ASN B 115 26.46 11.53 -0.59
C ASN B 115 25.05 12.01 -0.41
N SER B 116 24.07 11.25 -0.91
CA SER B 116 22.67 11.49 -0.57
C SER B 116 22.07 10.17 -0.06
N PHE B 117 21.19 10.29 0.93
CA PHE B 117 20.55 9.12 1.54
C PHE B 117 19.10 9.49 1.82
N LEU B 118 18.20 8.65 1.35
CA LEU B 118 16.78 8.78 1.62
C LEU B 118 16.27 7.43 2.08
N GLY B 119 16.03 7.32 3.38
CA GLY B 119 15.59 6.03 3.98
C GLY B 119 14.16 6.16 4.46
N VAL B 120 13.35 5.14 4.16
CA VAL B 120 11.93 5.17 4.42
C VAL B 120 11.57 3.87 5.15
N PRO B 121 10.91 3.99 6.29
CA PRO B 121 10.58 2.75 7.01
C PRO B 121 9.41 2.03 6.37
N VAL B 122 9.47 0.70 6.39
CA VAL B 122 8.36 -0.16 5.94
C VAL B 122 7.74 -0.65 7.25
N TYR B 124 4.23 -2.20 9.30
CA TYR B 124 2.97 -2.93 9.26
C TYR B 124 2.48 -3.12 10.69
N ARG B 125 1.26 -2.69 10.96
CA ARG B 125 0.68 -2.86 12.28
C ARG B 125 1.64 -2.45 13.39
N ARG B 126 2.20 -1.24 13.20
CA ARG B 126 3.14 -0.64 14.14
C ARG B 126 4.51 -1.32 14.24
N LYS B 127 4.77 -2.36 13.45
CA LYS B 127 6.04 -3.09 13.49
C LYS B 127 6.89 -2.75 12.26
N VAL B 128 8.19 -2.57 12.46
CA VAL B 128 9.10 -2.33 11.34
C VAL B 128 9.40 -3.63 10.62
N GLY B 130 11.07 -3.44 7.56
CA GLY B 130 12.25 -3.22 6.69
C GLY B 130 12.46 -1.74 6.48
N VAL B 131 13.45 -1.44 5.66
CA VAL B 131 13.81 -0.08 5.31
C VAL B 131 14.14 -0.03 3.83
N LEU B 132 13.53 0.93 3.15
CA LEU B 132 13.85 1.22 1.77
C LEU B 132 14.87 2.34 1.72
N VAL B 133 15.92 2.17 0.91
CA VAL B 133 16.99 3.14 0.82
C VAL B 133 17.15 3.60 -0.62
N VAL B 134 17.16 4.91 -0.84
CA VAL B 134 17.51 5.53 -2.10
C VAL B 134 18.81 6.28 -1.89
N GLN B 135 19.80 6.04 -2.73
CA GLN B 135 21.11 6.70 -2.61
C GLN B 135 21.55 7.26 -3.94
N ASN B 136 22.32 8.34 -3.90
CA ASN B 136 22.90 8.92 -5.08
C ASN B 136 24.33 9.33 -4.76
N LYS B 137 25.14 9.32 -5.80
CA LYS B 137 26.56 9.67 -5.63
C LYS B 137 26.75 11.10 -5.08
N GLN B 138 26.07 12.04 -5.69
CA GLN B 138 26.15 13.42 -5.27
C GLN B 138 25.07 13.76 -4.28
N PRO B 139 25.25 14.84 -3.51
CA PRO B 139 24.16 15.34 -2.68
C PRO B 139 22.95 15.67 -3.58
N GLN B 140 21.74 15.36 -3.12
CA GLN B 140 20.49 15.58 -3.87
C GLN B 140 19.40 15.99 -2.89
N ASP B 141 18.61 16.98 -3.25
CA ASP B 141 17.49 17.47 -2.46
C ASP B 141 16.26 16.83 -3.07
N PHE B 142 15.69 15.89 -2.34
CA PHE B 142 14.46 15.21 -2.76
C PHE B 142 13.25 15.79 -2.05
N SER B 143 12.20 16.06 -2.83
CA SER B 143 11.04 16.77 -2.36
C SER B 143 10.04 15.88 -1.65
N GLU B 144 8.98 16.52 -1.17
CA GLU B 144 7.88 15.86 -0.54
C GLU B 144 7.18 14.91 -1.47
N ALA B 145 7.15 15.18 -2.77
CA ALA B 145 6.54 14.23 -3.70
C ALA B 145 7.24 12.90 -3.67
N ALA B 146 8.56 12.94 -3.69
CA ALA B 146 9.33 11.72 -3.65
C ALA B 146 9.07 11.01 -2.35
N GLU B 147 9.04 11.73 -1.23
CA GLU B 147 8.76 11.07 0.05
C GLU B 147 7.38 10.40 0.03
N SER B 148 6.37 11.13 -0.45
CA SER B 148 5.01 10.58 -0.50
C SER B 148 4.91 9.36 -1.38
N PHE B 149 5.55 9.37 -2.54
CA PHE B 149 5.62 8.25 -3.46
C PHE B 149 6.18 7.03 -2.77
N LEU B 150 7.34 7.22 -2.11
CA LEU B 150 8.00 6.09 -1.47
C LEU B 150 7.22 5.59 -0.29
N VAL B 151 6.66 6.49 0.53
CA VAL B 151 5.82 6.04 1.66
C VAL B 151 4.68 5.15 1.18
N THR B 152 4.03 5.53 0.09
CA THR B 152 2.88 4.78 -0.42
C THR B 152 3.30 3.40 -0.92
N LEU B 153 4.41 3.32 -1.69
CA LEU B 153 4.91 2.02 -2.10
C LEU B 153 5.34 1.19 -0.92
N CYS B 154 5.99 1.81 0.07
CA CYS B 154 6.41 1.00 1.21
C CYS B 154 5.19 0.42 1.95
N ALA B 155 4.09 1.20 2.01
CA ALA B 155 2.89 0.74 2.70
C ALA B 155 2.28 -0.43 1.96
N GLN B 156 2.38 -0.43 0.64
CA GLN B 156 1.90 -1.59 -0.13
C GLN B 156 2.76 -2.80 0.18
N LEU B 157 4.09 -2.62 0.18
N LEU B 157 4.07 -2.57 0.18
CA LEU B 157 4.97 -3.77 0.45
CA LEU B 157 5.04 -3.64 0.44
C LEU B 157 4.81 -4.24 1.87
C LEU B 157 4.85 -4.20 1.84
N SER B 158 4.43 -3.36 2.79
CA SER B 158 4.38 -3.79 4.19
C SER B 158 3.48 -5.00 4.40
N GLY B 159 2.33 -5.05 3.72
CA GLY B 159 1.44 -6.20 3.81
C GLY B 159 1.88 -7.40 3.03
N VAL B 160 2.51 -7.19 1.88
CA VAL B 160 3.13 -8.28 1.14
C VAL B 160 4.17 -8.97 2.05
N ILE B 161 4.98 -8.17 2.74
CA ILE B 161 6.01 -8.71 3.63
C ILE B 161 5.38 -9.41 4.83
N ALA B 162 4.43 -8.74 5.48
CA ALA B 162 3.72 -9.39 6.60
C ALA B 162 3.08 -10.74 6.19
N HIS B 163 2.44 -10.77 5.04
CA HIS B 163 1.83 -11.97 4.54
C HIS B 163 2.91 -13.07 4.34
N ALA B 164 4.03 -12.68 3.77
CA ALA B 164 5.12 -13.62 3.50
C ALA B 164 5.60 -14.26 4.77
N HIS B 165 5.75 -13.45 5.80
CA HIS B 165 6.11 -13.97 7.10
C HIS B 165 5.05 -14.97 7.60
N ALA B 166 3.79 -14.60 7.49
CA ALA B 166 2.71 -15.38 8.07
C ALA B 166 2.50 -16.71 7.38
N VAL B 167 2.88 -16.83 6.10
CA VAL B 167 2.71 -18.06 5.37
C VAL B 167 4.06 -18.74 5.08
N GLY B 168 5.14 -18.24 5.65
CA GLY B 168 6.46 -18.80 5.42
C GLY B 168 6.80 -19.88 6.40
N ASN B 169 8.09 -20.04 6.64
CA ASN B 169 8.51 -21.03 7.61
C ASN B 169 7.91 -20.74 8.96
N ILE B 170 7.70 -21.81 9.73
CA ILE B 170 7.13 -21.68 11.07
C ILE B 170 8.29 -21.42 12.03
N ASP B 171 8.66 -20.16 12.13
CA ASP B 171 9.77 -19.76 12.93
C ASP B 171 9.33 -18.71 13.94
#